data_7V27
#
_entry.id   7V27
#
_cell.length_a   1.00
_cell.length_b   1.00
_cell.length_c   1.00
_cell.angle_alpha   90.00
_cell.angle_beta   90.00
_cell.angle_gamma   90.00
#
_symmetry.space_group_name_H-M   'P 1'
#
loop_
_entity.id
_entity.type
_entity.pdbx_description
1 polymer 'Spike protein S1'
2 polymer XG005-VH
3 polymer XG005-VL
4 non-polymer 2-acetamido-2-deoxy-beta-D-glucopyranose
#
loop_
_entity_poly.entity_id
_entity_poly.type
_entity_poly.pdbx_seq_one_letter_code
_entity_poly.pdbx_strand_id
1 'polypeptide(L)'
;NLCPFGEVFNATRFASVYAWNRKRISNCVADYSVLYNSASFSTFKCYGVSPTKLNDLCFTNVYADSFVIRGDEVRQIAPG
QTGKIADYNYKLPDDFTGCVIAWNSNNLDSKVGGNYNYLYRLFRKSNLKPFERDISTEIYQAGSTPCNGVEGFNCYFPLQ
SYGFQPTNGVGYQPYRVVVLSFELLHAPATVCGP
;
C
2 'polypeptide(L)'
;QVTLRESGPTLVKPKQTLTLTCTFSGFSLSTPGGGVGWIRQPPGKALEWLALIYWDDDKRYSPSLKSSLTITKDTSKNQV
VLTMTNMDPVDTATYYCARLTAADTIFDCWGQGTLVTVSS
;
B
3 'polypeptide(L)'
;QSALTQPASVSGSPGLSITISCTATSSDVGAYNYVSWYQQHPGQAPKLMIYDVSKRPSGVSNRFSGSKSANTASLTISGL
QAEDEADYYCSSYTTTSVVFGGGTKLTVL
;
A
#
loop_
_chem_comp.id
_chem_comp.type
_chem_comp.name
_chem_comp.formula
NAG D-saccharide, beta linking 2-acetamido-2-deoxy-beta-D-glucopyranose 'C8 H15 N O6'
#
# COMPACT_ATOMS: atom_id res chain seq x y z
N ASN A 1 13.27 29.83 -13.32
CA ASN A 1 14.41 29.70 -12.41
C ASN A 1 14.25 28.48 -11.51
N LEU A 2 13.00 28.16 -11.18
CA LEU A 2 12.71 27.00 -10.34
C LEU A 2 12.95 25.71 -11.12
N CYS A 3 13.18 24.62 -10.39
CA CYS A 3 13.42 23.33 -10.98
C CYS A 3 12.73 22.23 -10.18
N PRO A 4 12.44 21.07 -10.81
CA PRO A 4 11.65 20.02 -10.14
C PRO A 4 12.37 19.28 -9.01
N PHE A 5 12.56 19.97 -7.88
CA PHE A 5 12.97 19.28 -6.67
C PHE A 5 11.86 18.41 -6.10
N GLY A 6 10.61 18.72 -6.43
CA GLY A 6 9.50 17.91 -5.94
C GLY A 6 9.25 16.69 -6.79
N GLU A 7 9.64 16.74 -8.07
CA GLU A 7 9.42 15.61 -8.96
C GLU A 7 10.25 14.40 -8.56
N VAL A 8 11.45 14.63 -8.04
CA VAL A 8 12.32 13.52 -7.65
C VAL A 8 11.82 12.87 -6.37
N PHE A 9 11.13 13.64 -5.52
CA PHE A 9 10.61 13.07 -4.29
C PHE A 9 9.17 12.60 -4.46
N ASN A 10 8.35 13.37 -5.16
CA ASN A 10 6.94 13.04 -5.37
C ASN A 10 6.70 12.41 -6.74
N ALA A 11 7.63 11.60 -7.22
CA ALA A 11 7.50 10.98 -8.53
C ALA A 11 6.35 9.99 -8.54
N THR A 12 6.01 9.52 -9.75
CA THR A 12 4.95 8.53 -9.89
C THR A 12 5.35 7.20 -9.29
N ARG A 13 6.42 6.60 -9.81
CA ARG A 13 6.89 5.30 -9.32
C ARG A 13 8.40 5.27 -9.40
N PHE A 14 9.05 4.88 -8.31
CA PHE A 14 10.50 4.75 -8.31
C PHE A 14 10.92 3.44 -8.96
N ALA A 15 12.21 3.35 -9.25
CA ALA A 15 12.78 2.16 -9.85
C ALA A 15 13.37 1.23 -8.78
N SER A 16 13.69 0.02 -9.19
CA SER A 16 14.28 -0.95 -8.27
C SER A 16 15.74 -0.61 -8.01
N VAL A 17 16.32 -1.33 -7.04
CA VAL A 17 17.71 -1.06 -6.65
C VAL A 17 18.66 -1.53 -7.75
N TYR A 18 18.33 -2.62 -8.44
CA TYR A 18 19.20 -3.11 -9.51
C TYR A 18 19.10 -2.27 -10.77
N ALA A 19 18.13 -1.37 -10.86
CA ALA A 19 17.96 -0.46 -11.99
C ALA A 19 17.67 0.96 -11.49
N TRP A 20 18.46 1.40 -10.51
CA TRP A 20 18.24 2.71 -9.92
C TRP A 20 18.41 3.81 -10.97
N ASN A 21 17.47 4.74 -10.98
CA ASN A 21 17.46 5.82 -11.96
C ASN A 21 18.28 7.00 -11.45
N ARG A 22 19.19 7.49 -12.29
CA ARG A 22 20.03 8.64 -11.97
C ARG A 22 19.55 9.86 -12.72
N LYS A 23 19.61 11.01 -12.05
CA LYS A 23 19.10 12.25 -12.63
C LYS A 23 20.06 13.39 -12.33
N ARG A 24 20.34 14.19 -13.37
CA ARG A 24 21.22 15.35 -13.24
C ARG A 24 20.40 16.57 -12.83
N ILE A 25 20.97 17.36 -11.92
CA ILE A 25 20.32 18.56 -11.39
C ILE A 25 21.12 19.76 -11.84
N SER A 26 20.45 20.72 -12.51
CA SER A 26 21.12 21.91 -13.01
C SER A 26 20.17 23.08 -12.97
N ASN A 27 20.72 24.27 -12.72
CA ASN A 27 19.97 25.53 -12.73
C ASN A 27 18.81 25.50 -11.74
N CYS A 28 19.17 25.36 -10.46
CA CYS A 28 18.19 25.28 -9.39
C CYS A 28 18.51 26.31 -8.32
N VAL A 29 17.58 26.47 -7.38
CA VAL A 29 17.76 27.27 -6.18
C VAL A 29 17.70 26.34 -4.98
N ALA A 30 18.66 26.47 -4.08
CA ALA A 30 18.80 25.57 -2.93
C ALA A 30 17.78 25.96 -1.86
N ASP A 31 16.54 25.54 -2.06
CA ASP A 31 15.49 25.75 -1.06
C ASP A 31 15.33 24.51 -0.19
N TYR A 32 16.41 24.14 0.48
CA TYR A 32 16.42 22.93 1.30
C TYR A 32 15.73 23.13 2.64
N SER A 33 15.37 24.36 2.99
CA SER A 33 14.71 24.61 4.27
C SER A 33 13.33 23.94 4.31
N VAL A 34 12.58 24.04 3.21
CA VAL A 34 11.26 23.42 3.17
C VAL A 34 11.38 21.90 3.06
N LEU A 35 12.54 21.41 2.64
CA LEU A 35 12.73 19.96 2.54
C LEU A 35 13.01 19.34 3.90
N TYR A 36 13.91 19.94 4.68
CA TYR A 36 14.22 19.42 6.01
C TYR A 36 13.04 19.54 6.95
N ASN A 37 12.20 20.55 6.77
CA ASN A 37 11.05 20.80 7.64
C ASN A 37 9.76 20.25 7.04
N SER A 38 9.84 19.16 6.27
CA SER A 38 8.65 18.58 5.66
C SER A 38 7.86 17.71 6.62
N ALA A 39 8.43 17.35 7.77
CA ALA A 39 7.77 16.56 8.81
C ALA A 39 7.30 15.19 8.29
N SER A 40 7.92 14.69 7.22
CA SER A 40 7.55 13.39 6.68
C SER A 40 8.79 12.53 6.47
N PHE A 41 9.95 13.17 6.29
CA PHE A 41 11.20 12.44 6.09
C PHE A 41 11.67 11.86 7.41
N SER A 42 11.63 10.53 7.52
CA SER A 42 11.99 9.87 8.77
C SER A 42 13.49 9.98 9.04
N THR A 43 14.30 9.47 8.12
CA THR A 43 15.76 9.43 8.30
C THR A 43 16.38 10.52 7.44
N PHE A 44 16.67 11.67 8.06
CA PHE A 44 17.35 12.77 7.40
C PHE A 44 18.84 12.83 7.77
N LYS A 45 19.37 11.78 8.39
CA LYS A 45 20.76 11.76 8.79
C LYS A 45 21.67 11.89 7.58
N CYS A 46 22.40 13.00 7.48
CA CYS A 46 23.29 13.26 6.35
C CYS A 46 24.74 13.23 6.83
N TYR A 47 25.54 12.37 6.20
CA TYR A 47 26.91 12.13 6.61
C TYR A 47 27.84 13.08 5.86
N GLY A 48 28.57 13.91 6.60
CA GLY A 48 29.51 14.86 6.03
C GLY A 48 28.96 16.27 5.94
N VAL A 49 27.67 16.41 5.64
CA VAL A 49 27.00 17.70 5.54
C VAL A 49 25.88 17.74 6.56
N SER A 50 25.80 18.86 7.31
CA SER A 50 24.80 19.07 8.34
C SER A 50 23.39 19.02 7.74
N PRO A 51 22.41 18.55 8.52
CA PRO A 51 21.03 18.47 7.98
C PRO A 51 20.47 19.84 7.60
N THR A 52 20.71 20.85 8.42
CA THR A 52 20.22 22.20 8.16
C THR A 52 21.34 23.04 7.54
N LYS A 53 21.05 24.33 7.33
CA LYS A 53 22.01 25.31 6.81
C LYS A 53 22.53 24.94 5.42
N LEU A 54 21.82 24.07 4.70
CA LEU A 54 22.22 23.73 3.34
C LEU A 54 21.95 24.85 2.36
N ASN A 55 21.09 25.81 2.73
CA ASN A 55 20.76 26.90 1.82
C ASN A 55 21.94 27.83 1.61
N ASP A 56 22.76 28.04 2.63
CA ASP A 56 23.94 28.89 2.51
C ASP A 56 25.16 28.09 2.04
N LEU A 57 24.93 27.32 0.98
CA LEU A 57 25.95 26.50 0.33
C LEU A 57 25.35 25.95 -0.94
N CYS A 58 26.16 25.86 -2.00
CA CYS A 58 25.68 25.39 -3.30
C CYS A 58 26.81 24.72 -4.06
N PHE A 59 26.48 23.62 -4.73
CA PHE A 59 27.47 22.78 -5.38
C PHE A 59 27.44 22.96 -6.89
N THR A 60 28.25 22.17 -7.58
CA THR A 60 28.43 22.31 -9.02
C THR A 60 27.55 21.36 -9.83
N ASN A 61 27.68 20.06 -9.58
CA ASN A 61 27.13 19.03 -10.47
C ASN A 61 26.40 17.97 -9.65
N VAL A 62 25.51 18.43 -8.76
CA VAL A 62 24.76 17.50 -7.91
C VAL A 62 23.88 16.60 -8.76
N TYR A 63 23.82 15.32 -8.38
CA TYR A 63 22.97 14.32 -9.02
C TYR A 63 21.87 13.89 -8.06
N ALA A 64 21.10 12.89 -8.49
CA ALA A 64 20.01 12.34 -7.70
C ALA A 64 19.81 10.87 -8.06
N ASP A 65 19.37 10.09 -7.09
CA ASP A 65 19.09 8.67 -7.25
C ASP A 65 17.70 8.36 -6.72
N SER A 66 17.24 7.13 -6.99
CA SER A 66 15.92 6.70 -6.54
C SER A 66 15.87 5.19 -6.50
N PHE A 67 15.46 4.64 -5.35
CA PHE A 67 15.25 3.21 -5.21
C PHE A 67 14.45 2.95 -3.94
N VAL A 68 14.03 1.71 -3.75
CA VAL A 68 13.23 1.29 -2.60
C VAL A 68 13.92 0.09 -1.97
N ILE A 69 13.99 0.08 -0.65
CA ILE A 69 14.60 -1.02 0.10
C ILE A 69 13.70 -1.37 1.28
N ARG A 70 14.17 -2.32 2.09
CA ARG A 70 13.46 -2.72 3.29
C ARG A 70 13.92 -1.90 4.49
N GLY A 71 13.16 -1.98 5.58
CA GLY A 71 13.49 -1.22 6.77
C GLY A 71 14.77 -1.67 7.44
N ASP A 72 15.05 -2.97 7.42
CA ASP A 72 16.27 -3.47 8.07
C ASP A 72 17.52 -3.03 7.31
N GLU A 73 17.41 -2.80 6.01
CA GLU A 73 18.53 -2.38 5.18
C GLU A 73 18.55 -0.88 4.94
N VAL A 74 17.76 -0.12 5.69
CA VAL A 74 17.85 1.34 5.62
C VAL A 74 19.22 1.80 6.09
N ARG A 75 19.79 1.13 7.09
CA ARG A 75 21.15 1.44 7.52
C ARG A 75 22.19 0.90 6.56
N GLN A 76 21.81 -0.06 5.72
CA GLN A 76 22.78 -0.67 4.81
C GLN A 76 23.23 0.31 3.73
N ILE A 77 22.35 1.22 3.31
CA ILE A 77 22.72 2.20 2.30
C ILE A 77 23.46 3.37 2.97
N ALA A 78 24.78 3.22 3.09
CA ALA A 78 25.64 4.19 3.75
C ALA A 78 27.10 3.83 3.51
N PRO A 79 28.01 4.80 3.45
CA PRO A 79 29.44 4.51 3.29
C PRO A 79 30.12 4.11 4.60
N GLY A 80 29.50 3.19 5.34
CA GLY A 80 30.06 2.70 6.58
C GLY A 80 29.94 1.21 6.75
N GLN A 81 29.13 0.57 5.90
CA GLN A 81 28.91 -0.87 5.98
C GLN A 81 28.37 -1.36 4.65
N THR A 82 28.26 -2.67 4.53
CA THR A 82 27.82 -3.34 3.31
C THR A 82 27.49 -4.78 3.65
N GLY A 83 27.17 -5.57 2.63
CA GLY A 83 26.98 -7.00 2.81
C GLY A 83 25.80 -7.59 2.08
N LYS A 84 24.69 -6.85 1.98
CA LYS A 84 23.53 -7.41 1.31
C LYS A 84 22.96 -6.50 0.22
N ILE A 85 22.96 -5.19 0.43
CA ILE A 85 22.44 -4.24 -0.55
C ILE A 85 23.55 -3.43 -1.20
N ALA A 86 24.49 -2.94 -0.41
CA ALA A 86 25.65 -2.21 -0.92
C ALA A 86 26.75 -3.14 -1.41
N ASP A 87 26.44 -4.41 -1.64
CA ASP A 87 27.42 -5.37 -2.13
C ASP A 87 27.07 -5.95 -3.48
N TYR A 88 25.78 -5.96 -3.85
CA TYR A 88 25.36 -6.40 -5.19
C TYR A 88 24.38 -5.46 -5.88
N ASN A 89 23.63 -4.63 -5.14
CA ASN A 89 22.57 -3.82 -5.74
C ASN A 89 23.01 -2.38 -5.99
N TYR A 90 23.43 -1.68 -4.94
CA TYR A 90 23.79 -0.26 -5.07
C TYR A 90 24.65 0.12 -3.88
N LYS A 91 25.90 0.49 -4.14
CA LYS A 91 26.85 0.85 -3.10
C LYS A 91 27.22 2.33 -3.24
N LEU A 92 27.34 3.01 -2.10
CA LEU A 92 27.76 4.40 -2.08
C LEU A 92 29.26 4.48 -1.81
N PRO A 93 29.98 5.36 -2.49
CA PRO A 93 31.42 5.47 -2.28
C PRO A 93 31.75 5.99 -0.89
N ASP A 94 32.99 5.73 -0.47
CA ASP A 94 33.44 6.15 0.85
C ASP A 94 33.58 7.67 0.96
N ASP A 95 33.81 8.36 -0.16
CA ASP A 95 33.89 9.82 -0.17
C ASP A 95 32.60 10.46 -0.66
N PHE A 96 31.47 9.81 -0.38
CA PHE A 96 30.18 10.30 -0.85
C PHE A 96 29.74 11.51 -0.02
N THR A 97 29.31 12.56 -0.71
CA THR A 97 28.81 13.77 -0.08
C THR A 97 27.31 13.87 -0.34
N GLY A 98 26.52 13.87 0.73
CA GLY A 98 25.07 13.86 0.60
C GLY A 98 24.45 13.00 1.67
N CYS A 99 23.31 12.41 1.35
CA CYS A 99 22.64 11.49 2.25
C CYS A 99 21.57 10.67 1.54
N VAL A 100 20.90 9.83 2.33
CA VAL A 100 20.04 8.77 1.84
C VAL A 100 18.61 8.99 2.35
N ILE A 101 18.19 10.26 2.43
CA ILE A 101 16.89 10.63 2.96
C ILE A 101 15.81 9.68 2.45
N ALA A 102 15.02 9.14 3.37
CA ALA A 102 14.00 8.17 3.04
C ALA A 102 12.82 8.33 3.98
N TRP A 103 11.67 7.82 3.55
CA TRP A 103 10.45 7.89 4.34
C TRP A 103 9.68 6.59 4.18
N ASN A 104 8.77 6.35 5.12
CA ASN A 104 7.92 5.17 5.06
C ASN A 104 6.90 5.32 3.94
N SER A 105 6.93 4.39 2.99
CA SER A 105 6.04 4.42 1.83
C SER A 105 5.07 3.26 1.85
N ASN A 106 4.61 2.87 3.03
CA ASN A 106 3.65 1.76 3.16
C ASN A 106 2.22 2.25 3.03
N ASN A 107 1.95 3.01 1.96
CA ASN A 107 0.59 3.45 1.64
C ASN A 107 0.24 3.34 0.17
N LEU A 108 1.21 3.32 -0.74
CA LEU A 108 0.91 3.18 -2.15
C LEU A 108 1.88 2.26 -2.89
N ASP A 109 2.82 1.61 -2.21
CA ASP A 109 3.77 0.71 -2.85
C ASP A 109 3.58 -0.75 -2.44
N SER A 110 2.60 -1.03 -1.61
CA SER A 110 2.31 -2.39 -1.17
C SER A 110 0.86 -2.74 -1.46
N LYS A 111 0.61 -4.02 -1.70
CA LYS A 111 -0.72 -4.50 -2.01
C LYS A 111 -0.92 -5.88 -1.43
N VAL A 112 -2.18 -6.32 -1.37
CA VAL A 112 -2.50 -7.62 -0.81
C VAL A 112 -1.90 -8.71 -1.69
N GLY A 113 -1.24 -9.67 -1.06
CA GLY A 113 -0.60 -10.75 -1.79
C GLY A 113 0.89 -10.55 -1.96
N GLY A 114 1.34 -10.42 -3.20
CA GLY A 114 2.75 -10.21 -3.47
C GLY A 114 3.01 -9.11 -4.48
N ASN A 115 3.72 -8.07 -4.06
CA ASN A 115 4.08 -6.96 -4.94
C ASN A 115 5.38 -7.33 -5.64
N TYR A 116 5.29 -7.69 -6.92
CA TYR A 116 6.44 -8.10 -7.70
C TYR A 116 6.95 -7.02 -8.63
N ASN A 117 6.55 -5.76 -8.40
CA ASN A 117 7.04 -4.67 -9.24
C ASN A 117 8.47 -4.28 -8.87
N TYR A 118 8.83 -4.37 -7.61
CA TYR A 118 10.18 -4.04 -7.14
C TYR A 118 10.94 -5.31 -6.82
N LEU A 119 12.21 -5.35 -7.18
CA LEU A 119 13.06 -6.51 -6.95
C LEU A 119 14.46 -6.05 -6.57
N TYR A 120 15.24 -7.00 -6.07
CA TYR A 120 16.63 -6.74 -5.71
C TYR A 120 17.50 -7.89 -6.21
N ARG A 121 18.80 -7.64 -6.27
CA ARG A 121 19.75 -8.61 -6.79
C ARG A 121 20.23 -9.53 -5.68
N LEU A 122 20.39 -10.81 -6.00
CA LEU A 122 20.86 -11.81 -5.05
C LEU A 122 22.39 -11.87 -5.09
N PHE A 123 22.94 -12.91 -4.48
CA PHE A 123 24.39 -13.09 -4.45
C PHE A 123 24.96 -13.23 -5.86
N ARG A 124 26.17 -12.73 -6.05
CA ARG A 124 26.86 -12.80 -7.32
C ARG A 124 28.31 -13.21 -7.09
N LYS A 125 28.96 -13.64 -8.17
CA LYS A 125 30.35 -14.08 -8.07
C LYS A 125 31.32 -12.92 -7.92
N SER A 126 30.92 -11.72 -8.33
CA SER A 126 31.79 -10.55 -8.30
C SER A 126 31.25 -9.51 -7.33
N ASN A 127 32.14 -8.62 -6.90
CA ASN A 127 31.78 -7.53 -6.01
C ASN A 127 31.33 -6.32 -6.81
N LEU A 128 30.38 -5.56 -6.24
CA LEU A 128 29.84 -4.39 -6.91
C LEU A 128 30.77 -3.19 -6.74
N LYS A 129 30.91 -2.41 -7.81
CA LYS A 129 31.71 -1.21 -7.81
C LYS A 129 30.86 0.00 -7.44
N PRO A 130 31.47 1.06 -6.90
CA PRO A 130 30.68 2.25 -6.54
C PRO A 130 30.07 2.90 -7.78
N PHE A 131 28.80 3.25 -7.65
CA PHE A 131 28.03 3.89 -8.73
C PHE A 131 28.02 3.01 -9.99
N GLU A 132 27.44 1.82 -9.83
CA GLU A 132 27.36 0.86 -10.92
C GLU A 132 25.92 0.38 -11.07
N ARG A 133 25.46 0.33 -12.32
CA ARG A 133 24.11 -0.11 -12.64
C ARG A 133 24.21 -1.42 -13.43
N ASP A 134 23.92 -2.54 -12.75
CA ASP A 134 24.00 -3.86 -13.36
C ASP A 134 22.63 -4.23 -13.93
N ILE A 135 22.37 -3.74 -15.14
CA ILE A 135 21.12 -4.05 -15.81
C ILE A 135 21.07 -5.49 -16.27
N SER A 136 22.23 -6.09 -16.58
CA SER A 136 22.26 -7.46 -17.04
C SER A 136 21.76 -8.42 -15.97
N THR A 137 20.99 -9.41 -16.39
CA THR A 137 20.38 -10.40 -15.49
C THR A 137 20.88 -11.80 -15.85
N GLU A 138 22.18 -11.92 -16.08
CA GLU A 138 22.75 -13.21 -16.43
C GLU A 138 22.64 -14.20 -15.28
N ILE A 139 22.52 -15.48 -15.64
CA ILE A 139 22.37 -16.51 -14.62
C ILE A 139 23.68 -16.68 -13.86
N TYR A 140 23.60 -16.52 -12.53
CA TYR A 140 24.79 -16.63 -11.69
C TYR A 140 25.25 -18.08 -11.61
N GLN A 141 26.56 -18.28 -11.74
CA GLN A 141 27.16 -19.60 -11.66
C GLN A 141 27.97 -19.70 -10.36
N ALA A 142 27.63 -20.66 -9.52
CA ALA A 142 28.26 -20.85 -8.23
C ALA A 142 29.45 -21.79 -8.28
N GLY A 143 30.08 -21.95 -9.44
CA GLY A 143 31.24 -22.82 -9.55
C GLY A 143 31.34 -23.55 -10.86
N SER A 144 31.46 -24.87 -10.81
CA SER A 144 31.59 -25.70 -12.00
C SER A 144 30.21 -26.11 -12.51
N THR A 145 30.22 -26.97 -13.54
CA THR A 145 29.01 -27.46 -14.21
C THR A 145 28.16 -26.27 -14.64
N PRO A 146 28.56 -25.55 -15.69
CA PRO A 146 27.77 -24.39 -16.13
C PRO A 146 26.46 -24.80 -16.75
N CYS A 147 25.37 -24.24 -16.23
CA CYS A 147 24.05 -24.53 -16.78
C CYS A 147 23.82 -23.84 -18.11
N ASN A 148 24.29 -22.59 -18.24
CA ASN A 148 24.25 -21.85 -19.49
C ASN A 148 22.82 -21.66 -20.00
N GLY A 149 22.01 -20.99 -19.19
CA GLY A 149 20.63 -20.69 -19.53
C GLY A 149 19.61 -21.57 -18.86
N VAL A 150 20.01 -22.45 -17.95
CA VAL A 150 19.09 -23.33 -17.26
C VAL A 150 19.04 -22.92 -15.80
N GLU A 151 17.90 -23.14 -15.15
CA GLU A 151 17.74 -22.82 -13.74
C GLU A 151 17.86 -24.11 -12.91
N GLY A 152 17.83 -23.96 -11.59
CA GLY A 152 17.90 -25.11 -10.70
C GLY A 152 19.17 -25.16 -9.87
N PHE A 153 20.04 -26.12 -10.17
CA PHE A 153 21.24 -26.33 -9.37
C PHE A 153 22.22 -25.18 -9.56
N ASN A 154 22.53 -24.48 -8.46
CA ASN A 154 23.49 -23.39 -8.40
C ASN A 154 23.39 -22.43 -9.58
N CYS A 155 22.16 -22.19 -10.06
CA CYS A 155 21.93 -21.30 -11.18
C CYS A 155 20.70 -20.42 -10.96
N TYR A 156 20.44 -20.04 -9.71
CA TYR A 156 19.28 -19.22 -9.40
C TYR A 156 19.40 -17.86 -10.06
N PHE A 157 18.25 -17.24 -10.31
CA PHE A 157 18.23 -15.94 -10.98
C PHE A 157 18.80 -14.88 -10.04
N PRO A 158 19.54 -13.90 -10.57
CA PRO A 158 20.05 -12.83 -9.70
C PRO A 158 18.96 -12.00 -9.07
N LEU A 159 17.90 -11.70 -9.82
CA LEU A 159 16.75 -11.00 -9.25
C LEU A 159 15.89 -11.95 -8.45
N GLN A 160 15.33 -11.46 -7.35
CA GLN A 160 14.54 -12.29 -6.45
C GLN A 160 13.19 -11.63 -6.21
N SER A 161 12.14 -12.45 -6.17
CA SER A 161 10.81 -11.94 -5.86
C SER A 161 10.79 -11.31 -4.48
N TYR A 162 10.50 -10.01 -4.44
CA TYR A 162 10.55 -9.26 -3.19
C TYR A 162 9.41 -9.62 -2.26
N GLY A 163 8.16 -9.53 -2.73
CA GLY A 163 7.01 -9.84 -1.90
C GLY A 163 6.75 -8.79 -0.82
N PHE A 164 6.38 -7.59 -1.23
CA PHE A 164 6.01 -6.52 -0.31
C PHE A 164 4.70 -6.90 0.34
N GLN A 165 4.74 -7.23 1.62
CA GLN A 165 3.48 -7.58 2.25
C GLN A 165 2.87 -6.37 2.96
N PRO A 166 1.55 -6.26 2.95
CA PRO A 166 0.91 -5.12 3.64
C PRO A 166 1.15 -5.13 5.14
N THR A 167 0.97 -6.27 5.79
CA THR A 167 1.24 -6.41 7.22
C THR A 167 2.66 -6.91 7.41
N ASN A 168 3.52 -6.06 7.97
CA ASN A 168 4.92 -6.38 8.18
C ASN A 168 5.39 -5.69 9.45
N GLY A 169 6.64 -5.96 9.82
CA GLY A 169 7.26 -5.32 10.95
C GLY A 169 7.74 -3.92 10.62
N VAL A 170 8.41 -3.31 11.60
CA VAL A 170 8.95 -1.97 11.41
C VAL A 170 10.14 -1.98 10.45
N GLY A 171 10.76 -3.13 10.25
CA GLY A 171 11.90 -3.23 9.35
C GLY A 171 11.61 -3.98 8.08
N TYR A 172 10.33 -4.30 7.84
CA TYR A 172 9.92 -5.03 6.66
C TYR A 172 8.96 -4.25 5.78
N GLN A 173 8.76 -2.96 6.06
CA GLN A 173 7.86 -2.14 5.26
C GLN A 173 8.62 -1.48 4.11
N PRO A 174 7.92 -1.10 3.04
CA PRO A 174 8.59 -0.39 1.96
C PRO A 174 9.06 0.98 2.39
N TYR A 175 10.20 1.40 1.85
CA TYR A 175 10.80 2.68 2.17
C TYR A 175 11.42 3.28 0.91
N ARG A 176 10.81 4.36 0.41
CA ARG A 176 11.35 5.06 -0.76
C ARG A 176 12.59 5.85 -0.34
N VAL A 177 13.73 5.54 -0.94
CA VAL A 177 15.00 6.15 -0.59
C VAL A 177 15.49 6.98 -1.77
N VAL A 178 15.91 8.20 -1.48
CA VAL A 178 16.48 9.11 -2.48
C VAL A 178 17.88 9.50 -2.02
N VAL A 179 18.80 9.59 -2.97
CA VAL A 179 20.19 9.92 -2.69
C VAL A 179 20.54 11.20 -3.44
N LEU A 180 21.01 12.20 -2.72
CA LEU A 180 21.42 13.49 -3.28
C LEU A 180 22.94 13.56 -3.22
N SER A 181 23.59 13.07 -4.27
CA SER A 181 25.05 13.05 -4.33
C SER A 181 25.56 14.42 -4.75
N PHE A 182 26.17 15.15 -3.81
CA PHE A 182 26.76 16.44 -4.11
C PHE A 182 28.13 16.24 -4.74
N GLU A 183 28.33 16.79 -5.94
CA GLU A 183 29.61 16.69 -6.63
C GLU A 183 30.38 17.98 -6.41
N LEU A 184 31.33 17.92 -5.48
CA LEU A 184 32.13 19.10 -5.16
C LEU A 184 33.23 19.29 -6.20
N LEU A 185 33.06 20.29 -7.05
CA LEU A 185 34.05 20.62 -8.07
C LEU A 185 34.50 22.06 -7.86
N HIS A 186 35.32 22.56 -8.77
CA HIS A 186 35.78 23.95 -8.73
C HIS A 186 35.22 24.80 -9.86
N ALA A 187 34.46 24.21 -10.78
CA ALA A 187 33.85 24.97 -11.86
C ALA A 187 32.78 25.91 -11.31
N PRO A 188 32.42 26.95 -12.08
CA PRO A 188 31.31 27.81 -11.65
C PRO A 188 30.02 27.04 -11.42
N ALA A 189 29.44 27.19 -10.23
CA ALA A 189 28.24 26.44 -9.87
C ALA A 189 27.04 26.88 -10.70
N THR A 190 26.05 25.99 -10.78
CA THR A 190 24.81 26.26 -11.51
C THR A 190 23.56 26.11 -10.66
N VAL A 191 23.63 25.35 -9.56
CA VAL A 191 22.50 25.14 -8.67
C VAL A 191 22.78 25.85 -7.36
N CYS A 192 22.36 27.10 -7.26
CA CYS A 192 22.68 27.90 -6.09
C CYS A 192 21.48 28.77 -5.72
N GLY A 193 21.10 28.72 -4.45
CA GLY A 193 19.96 29.46 -3.96
C GLY A 193 20.30 30.84 -3.44
N PRO A 194 19.51 31.34 -2.49
CA PRO A 194 19.68 32.68 -1.93
C PRO A 194 20.68 32.71 -0.78
N GLN B 1 -17.32 14.31 -6.68
CA GLN B 1 -16.11 13.63 -6.22
C GLN B 1 -16.18 12.14 -6.55
N VAL B 2 -15.50 11.33 -5.74
CA VAL B 2 -15.49 9.88 -5.91
C VAL B 2 -16.89 9.33 -5.66
N THR B 3 -17.51 8.80 -6.69
CA THR B 3 -18.86 8.25 -6.60
C THR B 3 -18.90 6.88 -7.27
N LEU B 4 -19.47 5.91 -6.58
CA LEU B 4 -19.58 4.54 -7.09
C LEU B 4 -21.05 4.16 -7.20
N ARG B 5 -21.40 3.53 -8.32
CA ARG B 5 -22.76 3.07 -8.54
C ARG B 5 -22.73 1.83 -9.41
N GLU B 6 -23.51 0.82 -9.03
CA GLU B 6 -23.53 -0.46 -9.71
C GLU B 6 -24.57 -0.44 -10.84
N SER B 7 -24.30 -1.24 -11.87
CA SER B 7 -25.20 -1.37 -13.01
C SER B 7 -25.00 -2.76 -13.62
N GLY B 8 -26.10 -3.37 -14.03
CA GLY B 8 -26.07 -4.67 -14.64
C GLY B 8 -27.27 -5.52 -14.28
N PRO B 9 -27.19 -6.82 -14.56
CA PRO B 9 -28.32 -7.72 -14.28
C PRO B 9 -28.44 -8.00 -12.79
N THR B 10 -29.66 -8.38 -12.40
CA THR B 10 -29.98 -8.70 -11.01
C THR B 10 -30.35 -10.17 -10.82
N LEU B 11 -31.32 -10.66 -11.59
CA LEU B 11 -31.77 -12.04 -11.47
C LEU B 11 -30.94 -12.94 -12.37
N VAL B 12 -30.67 -14.15 -11.88
CA VAL B 12 -29.87 -15.13 -12.62
C VAL B 12 -30.29 -16.52 -12.17
N LYS B 13 -30.15 -17.49 -13.09
CA LYS B 13 -30.42 -18.90 -12.86
C LYS B 13 -29.19 -19.61 -12.31
N PRO B 14 -29.37 -20.71 -11.59
CA PRO B 14 -28.21 -21.45 -11.07
C PRO B 14 -27.37 -22.02 -12.20
N LYS B 15 -26.09 -22.25 -11.90
CA LYS B 15 -25.13 -22.82 -12.84
C LYS B 15 -25.03 -21.95 -14.10
N GLN B 16 -24.78 -20.66 -13.88
CA GLN B 16 -24.60 -19.72 -14.97
C GLN B 16 -23.38 -18.85 -14.73
N THR B 17 -23.16 -17.85 -15.59
CA THR B 17 -22.01 -16.95 -15.48
C THR B 17 -22.55 -15.53 -15.31
N LEU B 18 -22.34 -14.97 -14.12
CA LEU B 18 -22.81 -13.62 -13.82
C LEU B 18 -21.77 -12.59 -14.24
N THR B 19 -22.25 -11.46 -14.77
CA THR B 19 -21.40 -10.36 -15.22
C THR B 19 -21.91 -9.08 -14.58
N LEU B 20 -21.32 -8.69 -13.45
CA LEU B 20 -21.74 -7.51 -12.72
C LEU B 20 -20.68 -6.42 -12.85
N THR B 21 -21.11 -5.21 -13.17
CA THR B 21 -20.22 -4.07 -13.34
C THR B 21 -20.68 -2.90 -12.47
N CYS B 22 -19.84 -1.87 -12.40
CA CYS B 22 -20.20 -0.63 -11.71
C CYS B 22 -19.33 0.48 -12.29
N THR B 23 -19.99 1.54 -12.78
CA THR B 23 -19.29 2.65 -13.40
C THR B 23 -18.84 3.64 -12.33
N PHE B 24 -17.55 3.98 -12.34
CA PHE B 24 -16.98 4.92 -11.40
C PHE B 24 -16.62 6.23 -12.10
N SER B 25 -16.60 7.31 -11.33
CA SER B 25 -16.27 8.62 -11.85
C SER B 25 -15.77 9.50 -10.71
N GLY B 26 -15.19 10.64 -11.07
CA GLY B 26 -14.67 11.58 -10.11
C GLY B 26 -13.26 11.29 -9.62
N PHE B 27 -12.62 10.26 -10.14
CA PHE B 27 -11.26 9.93 -9.74
C PHE B 27 -10.60 9.12 -10.85
N SER B 28 -9.29 8.96 -10.74
CA SER B 28 -8.50 8.22 -11.72
C SER B 28 -8.15 6.85 -11.18
N LEU B 29 -7.91 5.92 -12.12
CA LEU B 29 -7.53 4.56 -11.77
C LEU B 29 -6.03 4.32 -11.79
N SER B 30 -5.29 5.09 -12.59
CA SER B 30 -3.85 4.94 -12.69
C SER B 30 -3.10 5.65 -11.58
N THR B 31 -3.80 6.12 -10.55
CA THR B 31 -3.13 6.78 -9.43
C THR B 31 -2.31 5.76 -8.64
N PRO B 32 -1.18 6.19 -8.07
CA PRO B 32 -0.37 5.26 -7.28
C PRO B 32 -1.11 4.76 -6.06
N GLY B 33 -1.14 3.44 -5.89
CA GLY B 33 -1.83 2.82 -4.78
C GLY B 33 -3.34 2.80 -4.90
N GLY B 34 -3.88 3.05 -6.08
CA GLY B 34 -5.32 3.08 -6.28
C GLY B 34 -5.87 1.78 -6.81
N GLY B 35 -7.18 1.61 -6.67
CA GLY B 35 -7.84 0.43 -7.14
C GLY B 35 -9.26 0.36 -6.62
N VAL B 36 -10.04 -0.54 -7.22
CA VAL B 36 -11.42 -0.77 -6.84
C VAL B 36 -11.57 -2.23 -6.42
N GLY B 37 -12.54 -2.51 -5.55
CA GLY B 37 -12.76 -3.84 -5.04
C GLY B 37 -14.20 -4.29 -5.26
N TRP B 38 -14.51 -5.46 -4.70
CA TRP B 38 -15.84 -6.03 -4.77
C TRP B 38 -16.11 -6.83 -3.51
N ILE B 39 -17.12 -6.43 -2.76
CA ILE B 39 -17.46 -7.05 -1.47
C ILE B 39 -18.93 -7.42 -1.49
N ARG B 40 -19.26 -8.60 -0.98
CA ARG B 40 -20.63 -9.09 -0.91
C ARG B 40 -21.01 -9.33 0.54
N GLN B 41 -22.32 -9.41 0.78
CA GLN B 41 -22.84 -9.64 2.12
C GLN B 41 -24.20 -10.30 2.06
N PRO B 42 -24.34 -11.53 2.54
CA PRO B 42 -25.65 -12.16 2.57
C PRO B 42 -26.56 -11.46 3.56
N PRO B 43 -27.88 -11.52 3.35
CA PRO B 43 -28.80 -10.88 4.31
C PRO B 43 -28.71 -11.50 5.70
N GLY B 44 -28.28 -10.70 6.67
CA GLY B 44 -28.09 -11.20 8.01
C GLY B 44 -26.73 -11.77 8.30
N LYS B 45 -25.72 -11.41 7.50
CA LYS B 45 -24.36 -11.90 7.70
C LYS B 45 -23.37 -10.75 7.62
N ALA B 46 -22.07 -11.08 7.70
CA ALA B 46 -21.01 -10.08 7.67
C ALA B 46 -20.53 -9.87 6.24
N LEU B 47 -19.50 -9.04 6.12
CA LEU B 47 -18.92 -8.72 4.82
C LEU B 47 -17.76 -9.68 4.50
N GLU B 48 -17.54 -9.89 3.21
CA GLU B 48 -16.44 -10.74 2.75
C GLU B 48 -15.94 -10.19 1.42
N TRP B 49 -14.64 -9.90 1.36
CA TRP B 49 -14.05 -9.34 0.15
C TRP B 49 -13.90 -10.43 -0.91
N LEU B 50 -14.46 -10.19 -2.09
CA LEU B 50 -14.37 -11.16 -3.18
C LEU B 50 -13.06 -11.03 -3.94
N ALA B 51 -12.84 -9.87 -4.56
CA ALA B 51 -11.64 -9.63 -5.36
C ALA B 51 -11.52 -8.14 -5.60
N LEU B 52 -10.40 -7.75 -6.20
CA LEU B 52 -10.15 -6.34 -6.49
C LEU B 52 -9.15 -6.24 -7.63
N ILE B 53 -9.00 -5.03 -8.15
CA ILE B 53 -8.03 -4.73 -9.20
C ILE B 53 -7.17 -3.56 -8.71
N TYR B 54 -5.96 -3.48 -9.23
CA TYR B 54 -5.01 -2.45 -8.86
C TYR B 54 -4.64 -1.62 -10.09
N TRP B 55 -3.69 -0.70 -9.90
CA TRP B 55 -3.27 0.19 -10.98
C TRP B 55 -2.53 -0.57 -12.07
N ASP B 56 -1.75 -1.59 -11.71
CA ASP B 56 -0.94 -2.33 -12.65
C ASP B 56 -1.63 -3.59 -13.17
N ASP B 57 -2.96 -3.62 -13.19
CA ASP B 57 -3.74 -4.76 -13.68
C ASP B 57 -3.38 -6.03 -12.92
N ASP B 58 -3.38 -5.95 -11.60
CA ASP B 58 -3.09 -7.10 -10.74
C ASP B 58 -4.39 -7.64 -10.18
N LYS B 59 -4.78 -8.82 -10.64
CA LYS B 59 -6.07 -9.44 -10.30
C LYS B 59 -5.86 -10.37 -9.11
N ARG B 60 -6.05 -9.82 -7.91
CA ARG B 60 -5.95 -10.61 -6.68
C ARG B 60 -7.34 -11.11 -6.29
N TYR B 61 -7.48 -12.42 -6.17
CA TYR B 61 -8.74 -13.06 -5.87
C TYR B 61 -8.73 -13.64 -4.46
N SER B 62 -9.91 -14.10 -4.03
CA SER B 62 -10.05 -14.73 -2.73
C SER B 62 -9.55 -16.18 -2.80
N PRO B 63 -8.95 -16.67 -1.72
CA PRO B 63 -8.43 -18.06 -1.74
C PRO B 63 -9.52 -19.10 -1.97
N SER B 64 -10.73 -18.87 -1.44
CA SER B 64 -11.80 -19.84 -1.62
C SER B 64 -12.43 -19.72 -3.00
N LEU B 65 -12.38 -18.55 -3.62
CA LEU B 65 -12.97 -18.34 -4.93
C LEU B 65 -11.93 -17.87 -5.94
N LYS B 66 -10.78 -18.55 -5.96
CA LYS B 66 -9.70 -18.14 -6.85
C LYS B 66 -10.03 -18.45 -8.30
N SER B 67 -10.69 -19.58 -8.56
CA SER B 67 -10.92 -20.02 -9.93
C SER B 67 -12.07 -19.26 -10.59
N SER B 68 -13.19 -19.10 -9.87
CA SER B 68 -14.38 -18.53 -10.49
C SER B 68 -14.24 -17.02 -10.67
N LEU B 69 -13.92 -16.30 -9.59
CA LEU B 69 -13.88 -14.85 -9.64
C LEU B 69 -12.69 -14.36 -10.46
N THR B 70 -13.00 -13.74 -11.61
CA THR B 70 -11.99 -13.13 -12.46
C THR B 70 -12.40 -11.70 -12.71
N ILE B 71 -11.54 -10.74 -12.36
CA ILE B 71 -11.85 -9.32 -12.45
C ILE B 71 -11.06 -8.70 -13.60
N THR B 72 -11.71 -7.80 -14.33
CA THR B 72 -11.09 -7.07 -15.42
C THR B 72 -11.17 -5.57 -15.16
N LYS B 73 -10.57 -4.81 -16.07
CA LYS B 73 -10.53 -3.35 -15.96
C LYS B 73 -10.62 -2.74 -17.35
N ASP B 74 -11.17 -1.52 -17.40
CA ASP B 74 -11.29 -0.77 -18.65
C ASP B 74 -11.17 0.72 -18.30
N THR B 75 -9.96 1.26 -18.44
CA THR B 75 -9.71 2.65 -18.09
C THR B 75 -10.27 3.62 -19.14
N SER B 76 -10.41 3.17 -20.39
CA SER B 76 -10.88 4.07 -21.44
C SER B 76 -12.31 4.54 -21.17
N LYS B 77 -13.19 3.62 -20.77
CA LYS B 77 -14.57 3.94 -20.47
C LYS B 77 -14.86 3.99 -18.97
N ASN B 78 -13.85 3.79 -18.12
CA ASN B 78 -14.00 3.79 -16.68
C ASN B 78 -15.04 2.76 -16.23
N GLN B 79 -14.80 1.51 -16.64
CA GLN B 79 -15.69 0.40 -16.35
C GLN B 79 -14.89 -0.74 -15.75
N VAL B 80 -15.54 -1.48 -14.83
CA VAL B 80 -14.93 -2.63 -14.18
C VAL B 80 -15.91 -3.79 -14.29
N VAL B 81 -15.49 -4.88 -14.93
CA VAL B 81 -16.34 -6.03 -15.18
C VAL B 81 -15.88 -7.18 -14.30
N LEU B 82 -16.84 -7.82 -13.63
CA LEU B 82 -16.57 -8.96 -12.75
C LEU B 82 -17.22 -10.20 -13.36
N THR B 83 -16.40 -11.20 -13.65
CA THR B 83 -16.88 -12.46 -14.23
C THR B 83 -16.78 -13.57 -13.19
N MET B 84 -17.88 -14.27 -12.97
CA MET B 84 -17.91 -15.40 -12.04
C MET B 84 -19.01 -16.36 -12.48
N THR B 85 -18.71 -17.65 -12.42
CA THR B 85 -19.60 -18.70 -12.87
C THR B 85 -20.09 -19.53 -11.70
N ASN B 86 -20.83 -20.60 -12.01
CA ASN B 86 -21.35 -21.53 -11.02
C ASN B 86 -22.23 -20.83 -9.99
N MET B 87 -23.36 -20.31 -10.49
CA MET B 87 -24.31 -19.63 -9.61
C MET B 87 -24.90 -20.60 -8.61
N ASP B 88 -24.67 -20.35 -7.32
CA ASP B 88 -25.17 -21.19 -6.25
C ASP B 88 -26.17 -20.40 -5.39
N PRO B 89 -27.14 -21.09 -4.78
CA PRO B 89 -28.09 -20.38 -3.92
C PRO B 89 -27.45 -19.68 -2.74
N VAL B 90 -26.27 -20.14 -2.30
CA VAL B 90 -25.57 -19.48 -1.21
C VAL B 90 -24.98 -18.15 -1.65
N ASP B 91 -24.83 -17.94 -2.96
CA ASP B 91 -24.27 -16.69 -3.48
C ASP B 91 -25.29 -15.56 -3.53
N THR B 92 -26.54 -15.81 -3.13
CA THR B 92 -27.57 -14.77 -3.11
C THR B 92 -27.20 -13.73 -2.07
N ALA B 93 -26.77 -12.56 -2.52
CA ALA B 93 -26.34 -11.50 -1.62
C ALA B 93 -26.30 -10.19 -2.40
N THR B 94 -26.03 -9.10 -1.69
CA THR B 94 -25.86 -7.78 -2.30
C THR B 94 -24.36 -7.54 -2.49
N TYR B 95 -23.98 -6.99 -3.65
CA TYR B 95 -22.59 -6.85 -4.02
C TYR B 95 -22.24 -5.36 -4.10
N TYR B 96 -21.37 -4.91 -3.21
CA TYR B 96 -20.86 -3.55 -3.25
C TYR B 96 -19.46 -3.52 -3.83
N CYS B 97 -19.24 -2.66 -4.81
CA CYS B 97 -17.90 -2.43 -5.33
C CYS B 97 -17.33 -1.17 -4.69
N ALA B 98 -16.15 -1.29 -4.11
CA ALA B 98 -15.55 -0.24 -3.29
C ALA B 98 -14.42 0.45 -4.05
N ARG B 99 -13.85 1.46 -3.39
CA ARG B 99 -12.74 2.24 -3.94
C ARG B 99 -11.60 2.21 -2.94
N LEU B 100 -10.45 1.69 -3.37
CA LEU B 100 -9.25 1.61 -2.53
C LEU B 100 -8.33 2.74 -2.95
N THR B 101 -8.40 3.86 -2.23
CA THR B 101 -7.58 5.02 -2.57
C THR B 101 -6.10 4.76 -2.29
N ALA B 102 -5.80 4.11 -1.18
CA ALA B 102 -4.42 3.80 -0.83
C ALA B 102 -4.39 2.51 -0.03
N ALA B 103 -3.17 2.04 0.25
CA ALA B 103 -3.02 0.82 1.04
C ALA B 103 -3.34 1.05 2.51
N ASP B 104 -3.15 2.29 2.98
CA ASP B 104 -3.46 2.59 4.38
C ASP B 104 -4.95 2.70 4.59
N THR B 105 -5.62 3.54 3.80
CA THR B 105 -7.06 3.72 3.91
C THR B 105 -7.75 2.54 3.23
N ILE B 106 -8.52 1.77 4.01
CA ILE B 106 -9.15 0.55 3.51
C ILE B 106 -10.55 0.91 3.04
N PHE B 107 -10.76 0.96 1.72
CA PHE B 107 -12.07 1.13 1.12
C PHE B 107 -12.74 2.42 1.60
N ASP B 108 -12.13 3.55 1.22
CA ASP B 108 -12.64 4.86 1.62
C ASP B 108 -14.08 5.06 1.15
N CYS B 109 -14.28 5.06 -0.17
CA CYS B 109 -15.59 5.30 -0.75
C CYS B 109 -16.25 3.99 -1.12
N TRP B 110 -17.56 3.91 -0.88
CA TRP B 110 -18.35 2.73 -1.22
C TRP B 110 -19.44 3.09 -2.21
N GLY B 111 -20.16 2.07 -2.67
CA GLY B 111 -21.22 2.23 -3.63
C GLY B 111 -22.59 1.92 -3.05
N GLN B 112 -23.61 2.14 -3.88
CA GLN B 112 -24.97 1.88 -3.45
C GLN B 112 -25.23 0.38 -3.30
N GLY B 113 -24.75 -0.43 -4.25
CA GLY B 113 -24.91 -1.86 -4.16
C GLY B 113 -26.27 -2.35 -4.62
N THR B 114 -26.29 -3.44 -5.38
CA THR B 114 -27.52 -4.04 -5.86
C THR B 114 -27.68 -5.43 -5.27
N LEU B 115 -28.92 -5.82 -5.03
CA LEU B 115 -29.24 -7.12 -4.44
C LEU B 115 -29.37 -8.14 -5.57
N VAL B 116 -28.30 -8.88 -5.82
CA VAL B 116 -28.28 -9.90 -6.85
C VAL B 116 -28.66 -11.24 -6.23
N THR B 117 -29.82 -11.76 -6.59
CA THR B 117 -30.32 -13.01 -6.05
C THR B 117 -30.05 -14.14 -7.03
N VAL B 118 -29.91 -15.36 -6.50
CA VAL B 118 -29.65 -16.55 -7.30
C VAL B 118 -30.76 -17.54 -6.98
N SER B 119 -31.74 -17.65 -7.87
CA SER B 119 -32.86 -18.57 -7.68
C SER B 119 -33.32 -19.04 -9.06
N SER B 120 -34.50 -19.65 -9.10
CA SER B 120 -35.07 -20.14 -10.35
C SER B 120 -35.86 -19.05 -11.06
N ALA C 3 -10.07 -15.68 10.54
CA ALA C 3 -10.89 -14.47 10.52
C ALA C 3 -10.87 -13.78 11.89
N LEU C 4 -11.13 -12.48 11.89
CA LEU C 4 -11.15 -11.73 13.14
C LEU C 4 -12.39 -12.06 13.94
N THR C 5 -12.29 -11.90 15.26
CA THR C 5 -13.38 -12.18 16.18
C THR C 5 -13.71 -10.94 16.99
N GLN C 6 -15.00 -10.63 17.07
CA GLN C 6 -15.48 -9.50 17.86
C GLN C 6 -16.77 -9.92 18.56
N PRO C 7 -17.15 -9.23 19.64
CA PRO C 7 -18.34 -9.64 20.39
C PRO C 7 -19.60 -9.63 19.52
N ALA C 8 -20.60 -10.37 19.99
CA ALA C 8 -21.83 -10.53 19.21
C ALA C 8 -22.61 -9.22 19.13
N SER C 9 -22.99 -8.66 20.29
CA SER C 9 -23.78 -7.43 20.31
C SER C 9 -23.51 -6.72 21.62
N VAL C 10 -22.85 -5.57 21.55
CA VAL C 10 -22.59 -4.75 22.72
C VAL C 10 -23.75 -3.77 22.90
N SER C 11 -24.15 -3.57 24.16
CA SER C 11 -25.25 -2.68 24.49
C SER C 11 -24.74 -1.56 25.38
N GLY C 12 -25.62 -0.60 25.67
CA GLY C 12 -25.26 0.53 26.51
C GLY C 12 -26.33 1.60 26.56
N SER C 13 -26.41 2.31 27.68
CA SER C 13 -27.39 3.37 27.83
C SER C 13 -26.88 4.67 27.19
N PRO C 14 -27.79 5.54 26.75
CA PRO C 14 -27.36 6.80 26.13
C PRO C 14 -26.61 7.67 27.12
N GLY C 15 -25.69 8.48 26.60
CA GLY C 15 -24.87 9.36 27.40
C GLY C 15 -23.64 8.70 27.97
N LEU C 16 -23.65 7.39 28.13
CA LEU C 16 -22.51 6.67 28.70
C LEU C 16 -21.44 6.45 27.63
N SER C 17 -20.33 5.86 28.07
CA SER C 17 -19.22 5.53 27.18
C SER C 17 -19.14 4.02 26.98
N ILE C 18 -18.93 3.61 25.73
CA ILE C 18 -18.81 2.20 25.37
C ILE C 18 -17.64 2.05 24.40
N THR C 19 -17.18 0.80 24.25
CA THR C 19 -16.08 0.47 23.36
C THR C 19 -16.33 -0.91 22.77
N ILE C 20 -16.16 -1.03 21.45
CA ILE C 20 -16.26 -2.31 20.77
C ILE C 20 -14.87 -2.88 20.54
N SER C 21 -14.68 -4.15 20.88
CA SER C 21 -13.39 -4.81 20.74
C SER C 21 -13.33 -5.61 19.45
N CYS C 22 -12.10 -5.87 19.00
CA CYS C 22 -11.87 -6.67 17.79
C CYS C 22 -10.48 -7.28 17.90
N THR C 23 -10.42 -8.59 18.13
CA THR C 23 -9.17 -9.28 18.36
C THR C 23 -8.69 -9.99 17.09
N ALA C 24 -7.47 -10.53 17.16
CA ALA C 24 -6.78 -11.12 16.03
C ALA C 24 -6.28 -12.53 16.38
N THR C 25 -7.20 -13.36 16.90
CA THR C 25 -6.84 -14.72 17.29
C THR C 25 -6.07 -15.45 16.19
N SER C 26 -6.54 -15.36 14.96
CA SER C 26 -5.86 -16.03 13.86
C SER C 26 -4.51 -15.36 13.58
N SER C 27 -3.57 -16.18 13.09
CA SER C 27 -2.23 -15.72 12.77
C SER C 27 -2.11 -15.18 11.35
N ASP C 28 -3.23 -14.78 10.75
CA ASP C 28 -3.20 -14.25 9.39
C ASP C 28 -2.47 -12.92 9.34
N VAL C 29 -2.63 -12.09 10.36
CA VAL C 29 -1.96 -10.79 10.40
C VAL C 29 -0.52 -11.00 10.84
N GLY C 30 0.40 -10.28 10.20
CA GLY C 30 1.80 -10.36 10.55
C GLY C 30 2.14 -9.53 11.76
N ALA C 31 1.72 -8.26 11.75
CA ALA C 31 1.94 -7.38 12.89
C ALA C 31 0.71 -6.54 13.23
N TYR C 32 -0.41 -6.74 12.53
CA TYR C 32 -1.63 -5.97 12.75
C TYR C 32 -1.37 -4.48 12.65
N ASN C 33 -0.85 -4.05 11.49
CA ASN C 33 -0.44 -2.66 11.31
C ASN C 33 -1.63 -1.79 10.90
N TYR C 34 -2.40 -2.21 9.91
CA TYR C 34 -3.48 -1.42 9.35
C TYR C 34 -4.81 -2.05 9.72
N VAL C 35 -5.72 -1.26 10.27
CA VAL C 35 -7.06 -1.70 10.63
C VAL C 35 -8.01 -0.52 10.47
N SER C 36 -9.26 -0.82 10.14
CA SER C 36 -10.26 0.22 9.91
C SER C 36 -11.64 -0.31 10.28
N TRP C 37 -12.51 0.61 10.68
CA TRP C 37 -13.88 0.28 11.04
C TRP C 37 -14.85 0.89 10.04
N TYR C 38 -16.08 0.38 10.05
CA TYR C 38 -17.13 0.83 9.13
C TYR C 38 -18.44 0.90 9.90
N GLN C 39 -18.93 2.12 10.12
CA GLN C 39 -20.23 2.33 10.77
C GLN C 39 -21.31 2.11 9.72
N GLN C 40 -21.63 0.84 9.49
CA GLN C 40 -22.59 0.45 8.47
C GLN C 40 -23.99 0.86 8.92
N HIS C 41 -24.51 1.93 8.35
CA HIS C 41 -25.89 2.31 8.61
C HIS C 41 -26.81 1.28 7.97
N PRO C 42 -27.66 0.60 8.72
CA PRO C 42 -28.45 -0.49 8.15
C PRO C 42 -29.47 -0.02 7.13
N GLY C 43 -29.28 -0.41 5.87
CA GLY C 43 -30.26 -0.13 4.85
C GLY C 43 -29.70 0.29 3.50
N GLN C 44 -28.62 1.08 3.48
CA GLN C 44 -28.08 1.58 2.22
C GLN C 44 -26.68 1.05 1.93
N ALA C 45 -25.73 1.28 2.83
CA ALA C 45 -24.33 0.94 2.59
C ALA C 45 -23.48 1.25 3.81
N PRO C 46 -22.34 0.58 3.99
CA PRO C 46 -21.40 0.97 5.04
C PRO C 46 -20.69 2.26 4.69
N LYS C 47 -20.01 2.83 5.68
CA LYS C 47 -19.26 4.05 5.50
C LYS C 47 -18.06 4.04 6.42
N LEU C 48 -16.98 4.70 5.99
CA LEU C 48 -15.75 4.76 6.77
C LEU C 48 -15.87 5.79 7.89
N MET C 49 -15.35 5.43 9.06
CA MET C 49 -15.34 6.35 10.19
C MET C 49 -13.93 6.53 10.72
N ILE C 50 -13.10 5.48 10.60
CA ILE C 50 -11.70 5.55 10.99
C ILE C 50 -10.89 4.65 10.06
N TYR C 51 -9.92 5.23 9.36
CA TYR C 51 -9.16 4.47 8.36
C TYR C 51 -7.91 3.84 8.94
N ASP C 52 -7.17 4.57 9.76
CA ASP C 52 -5.97 4.04 10.40
C ASP C 52 -6.35 3.43 11.75
N VAL C 53 -5.35 3.11 12.56
CA VAL C 53 -5.62 2.59 13.90
C VAL C 53 -6.21 3.68 14.78
N SER C 54 -5.74 4.90 14.64
CA SER C 54 -6.24 6.03 15.42
C SER C 54 -6.65 7.21 14.57
N LYS C 55 -6.02 7.39 13.41
CA LYS C 55 -6.37 8.52 12.55
C LYS C 55 -7.72 8.31 11.89
N ARG C 56 -8.50 9.39 11.82
CA ARG C 56 -9.84 9.35 11.25
C ARG C 56 -9.90 10.19 9.98
N PRO C 57 -10.71 9.80 9.00
CA PRO C 57 -10.82 10.61 7.78
C PRO C 57 -11.55 11.91 8.05
N SER C 58 -11.30 12.88 7.16
CA SER C 58 -11.89 14.20 7.31
C SER C 58 -13.36 14.19 6.89
N GLY C 59 -14.10 15.20 7.34
CA GLY C 59 -15.49 15.36 7.00
C GLY C 59 -16.43 14.62 7.91
N VAL C 60 -16.53 13.30 7.76
CA VAL C 60 -17.43 12.48 8.59
C VAL C 60 -16.62 12.03 9.79
N SER C 61 -16.50 12.91 10.78
CA SER C 61 -15.81 12.62 12.03
C SER C 61 -16.17 13.65 13.09
N ASN C 62 -16.68 13.20 14.23
CA ASN C 62 -16.96 14.10 15.35
C ASN C 62 -16.10 13.77 16.56
N ARG C 63 -16.19 12.54 17.08
CA ARG C 63 -15.40 12.16 18.25
C ARG C 63 -14.89 10.73 18.16
N PHE C 64 -15.03 10.06 17.02
CA PHE C 64 -14.63 8.66 16.92
C PHE C 64 -13.12 8.52 17.00
N SER C 65 -12.67 7.47 17.68
CA SER C 65 -11.25 7.17 17.81
C SER C 65 -11.07 5.68 17.98
N GLY C 66 -9.81 5.26 18.13
CA GLY C 66 -9.50 3.85 18.30
C GLY C 66 -8.10 3.67 18.82
N SER C 67 -7.79 2.42 19.18
CA SER C 67 -6.48 2.10 19.73
C SER C 67 -6.26 0.60 19.59
N LYS C 68 -5.01 0.18 19.79
CA LYS C 68 -4.63 -1.22 19.72
C LYS C 68 -3.32 -1.40 20.49
N SER C 69 -3.30 -2.34 21.42
CA SER C 69 -2.12 -2.53 22.26
C SER C 69 -1.17 -3.57 21.68
N ALA C 70 -1.63 -4.82 21.55
CA ALA C 70 -0.82 -5.88 20.95
C ALA C 70 -1.47 -6.45 19.69
N ASN C 71 -2.69 -6.98 19.80
CA ASN C 71 -3.37 -7.49 18.61
C ASN C 71 -4.87 -7.23 18.63
N THR C 72 -5.38 -6.50 19.63
CA THR C 72 -6.82 -6.26 19.76
C THR C 72 -7.10 -4.79 19.47
N ALA C 73 -7.95 -4.55 18.46
CA ALA C 73 -8.35 -3.20 18.12
C ALA C 73 -9.53 -2.76 19.00
N SER C 74 -9.82 -1.46 18.95
CA SER C 74 -10.89 -0.91 19.75
C SER C 74 -11.51 0.28 19.03
N LEU C 75 -12.73 0.62 19.42
CA LEU C 75 -13.46 1.76 18.89
C LEU C 75 -14.02 2.54 20.08
N THR C 76 -13.37 3.63 20.44
CA THR C 76 -13.77 4.44 21.57
C THR C 76 -14.80 5.47 21.10
N ILE C 77 -16.01 5.38 21.65
CA ILE C 77 -17.09 6.31 21.33
C ILE C 77 -17.23 7.29 22.48
N SER C 78 -17.62 8.52 22.15
CA SER C 78 -17.88 9.55 23.15
C SER C 78 -19.23 9.29 23.79
N GLY C 79 -19.74 10.27 24.54
CA GLY C 79 -21.05 10.14 25.16
C GLY C 79 -22.21 10.14 24.17
N LEU C 80 -21.93 10.28 22.88
CA LEU C 80 -22.99 10.32 21.88
C LEU C 80 -23.45 8.91 21.54
N GLN C 81 -24.68 8.58 21.92
CA GLN C 81 -25.28 7.28 21.59
C GLN C 81 -26.64 7.42 20.91
N ALA C 82 -27.10 8.64 20.64
CA ALA C 82 -28.42 8.85 20.07
C ALA C 82 -28.41 9.01 18.56
N GLU C 83 -27.31 8.66 17.88
CA GLU C 83 -27.25 8.77 16.43
C GLU C 83 -28.27 7.85 15.75
N ASP C 84 -28.10 6.54 15.91
CA ASP C 84 -28.96 5.53 15.33
C ASP C 84 -28.54 4.18 15.87
N GLU C 85 -29.19 3.13 15.37
CA GLU C 85 -28.82 1.75 15.70
C GLU C 85 -27.85 1.19 14.67
N ALA C 86 -26.66 1.80 14.64
CA ALA C 86 -25.68 1.48 13.61
C ALA C 86 -24.81 0.31 14.02
N ASP C 87 -24.40 -0.49 13.04
CA ASP C 87 -23.49 -1.59 13.26
C ASP C 87 -22.07 -1.18 12.88
N TYR C 88 -21.10 -1.94 13.37
CA TYR C 88 -19.70 -1.65 13.14
C TYR C 88 -18.96 -2.91 12.72
N TYR C 89 -18.05 -2.76 11.75
CA TYR C 89 -17.29 -3.87 11.20
C TYR C 89 -15.82 -3.50 11.18
N CYS C 90 -14.99 -4.31 11.86
CA CYS C 90 -13.55 -4.09 11.88
C CYS C 90 -12.91 -4.92 10.76
N SER C 91 -12.19 -4.27 9.88
CA SER C 91 -11.52 -4.92 8.75
C SER C 91 -10.04 -4.60 8.77
N SER C 92 -9.23 -5.57 8.35
CA SER C 92 -7.78 -5.41 8.33
C SER C 92 -7.18 -6.33 7.29
N TYR C 93 -5.93 -6.06 6.94
CA TYR C 93 -5.21 -6.84 5.95
C TYR C 93 -4.66 -8.11 6.56
N THR C 94 -4.95 -9.25 5.94
CA THR C 94 -4.38 -10.52 6.33
C THR C 94 -3.16 -10.82 5.45
N THR C 95 -2.64 -12.04 5.56
CA THR C 95 -1.48 -12.43 4.76
C THR C 95 -1.84 -12.74 3.31
N THR C 96 -3.08 -13.10 3.03
CA THR C 96 -3.49 -13.44 1.67
C THR C 96 -4.78 -12.80 1.24
N SER C 97 -5.63 -12.36 2.18
CA SER C 97 -6.94 -11.82 1.83
C SER C 97 -7.26 -10.58 2.64
N VAL C 98 -8.49 -10.10 2.53
CA VAL C 98 -8.96 -8.92 3.27
C VAL C 98 -10.14 -9.38 4.13
N VAL C 99 -9.91 -9.51 5.42
CA VAL C 99 -10.93 -9.97 6.35
C VAL C 99 -11.79 -8.79 6.78
N PHE C 100 -13.02 -9.09 7.22
CA PHE C 100 -13.94 -8.07 7.69
C PHE C 100 -14.55 -8.37 9.06
N GLY C 101 -14.24 -9.52 9.65
CA GLY C 101 -14.82 -9.83 10.94
C GLY C 101 -16.31 -10.11 10.86
N GLY C 102 -16.96 -9.97 12.01
CA GLY C 102 -18.39 -10.18 12.11
C GLY C 102 -19.16 -8.88 12.29
N GLY C 103 -20.44 -9.02 12.59
CA GLY C 103 -21.33 -7.88 12.80
C GLY C 103 -21.72 -7.76 14.26
N THR C 104 -21.71 -6.53 14.76
CA THR C 104 -22.04 -6.24 16.17
C THR C 104 -23.13 -5.19 16.21
N LYS C 105 -24.36 -5.62 16.47
CA LYS C 105 -25.50 -4.71 16.57
C LYS C 105 -25.37 -3.92 17.87
N LEU C 106 -24.93 -2.68 17.78
CA LEU C 106 -24.75 -1.82 18.95
C LEU C 106 -26.10 -1.24 19.33
N THR C 107 -26.81 -1.95 20.21
CA THR C 107 -28.11 -1.51 20.65
C THR C 107 -27.99 -0.54 21.82
N VAL C 108 -28.70 0.59 21.72
CA VAL C 108 -28.71 1.59 22.77
C VAL C 108 -30.02 1.48 23.54
N LEU C 109 -29.96 1.83 24.82
CA LEU C 109 -31.12 1.74 25.69
C LEU C 109 -31.78 3.10 25.86
C1 NAG D . 4.78 16.12 -2.15
C2 NAG D . 5.56 17.39 -1.80
C3 NAG D . 5.21 17.83 -0.37
C4 NAG D . 3.70 17.96 -0.21
C5 NAG D . 3.01 16.67 -0.63
C6 NAG D . 1.50 16.77 -0.61
C7 NAG D . 7.85 18.19 -2.16
C8 NAG D . 9.29 17.80 -2.26
N2 NAG D . 6.99 17.19 -1.93
O3 NAG D . 5.83 19.08 -0.09
O4 NAG D . 3.38 18.24 1.15
O5 NAG D . 3.38 16.33 -1.98
O6 NAG D . 1.00 17.34 -1.81
O7 NAG D . 7.48 19.36 -2.25
#